data_4HD1
#
_entry.id   4HD1
#
_cell.length_a   124.803
_cell.length_b   124.803
_cell.length_c   95.042
_cell.angle_alpha   90.000
_cell.angle_beta   90.000
_cell.angle_gamma   120.000
#
_symmetry.space_group_name_H-M   'P 61 2 2'
#
loop_
_entity.id
_entity.type
_entity.pdbx_description
1 polymer 'Squalene synthase HpnC'
2 non-polymer 'SULFATE ION'
3 water water
#
_entity_poly.entity_id   1
_entity_poly.type   'polypeptide(L)'
_entity_poly.pdbx_seq_one_letter_code
;SNA(MSE)GSVPVELRGDFEVCRRLTRSHYENFSVVSLFVPRHLRPHFYSVYAFCRGVDDLGDEFAGDR(MSE)AALDAY
EEELRRAFAGEATTPAFRALQFTIATCNLP(MSE)EPFLRLIEANRRDQRKHTYDTWEDLRDYCRYSADPVGRLVLGIFG
CLDDERARLSDATCTALQVANH(MSE)QDIDRDLALGRIYVPRADLEQFGATLDDIRARRATDGVRRCIALEVDRAQALF
DEGRRLESLVPPRLARQLKLYRLGGEAILAAIRRQGYNPFAGRPVVSGKQKLRIALSVLAGGAKGEGGSA
;
_entity_poly.pdbx_strand_id   A
#
# COMPACT_ATOMS: atom_id res chain seq x y z
N ASN A 2 -24.06 9.63 -4.96
CA ASN A 2 -24.03 9.82 -3.46
C ASN A 2 -23.91 8.50 -2.69
N ALA A 3 -22.67 8.04 -2.52
CA ALA A 3 -22.35 6.80 -1.79
C ALA A 3 -22.97 6.71 -0.38
N GLY A 5 -25.85 7.49 0.79
CA GLY A 5 -27.24 6.99 0.79
C GLY A 5 -27.40 5.48 0.78
N SER A 6 -26.33 4.75 0.47
CA SER A 6 -26.37 3.28 0.39
C SER A 6 -25.98 2.60 1.71
N VAL A 7 -25.69 3.41 2.72
CA VAL A 7 -25.38 2.97 4.07
C VAL A 7 -26.60 3.22 4.98
N PRO A 8 -26.78 2.43 6.07
CA PRO A 8 -27.93 2.65 6.96
C PRO A 8 -27.91 4.03 7.61
N VAL A 9 -29.09 4.62 7.76
CA VAL A 9 -29.29 5.98 8.29
C VAL A 9 -28.45 6.28 9.53
N GLU A 10 -28.42 5.35 10.50
CA GLU A 10 -27.71 5.55 11.76
C GLU A 10 -26.22 5.67 11.58
N LEU A 11 -25.70 5.09 10.50
CA LEU A 11 -24.25 5.03 10.25
C LEU A 11 -23.71 6.10 9.30
N ARG A 12 -24.59 6.91 8.71
CA ARG A 12 -24.17 7.88 7.70
C ARG A 12 -23.21 8.94 8.20
N GLY A 13 -23.39 9.36 9.45
CA GLY A 13 -22.47 10.30 10.09
C GLY A 13 -21.07 9.72 10.20
N ASP A 14 -20.97 8.49 10.69
CA ASP A 14 -19.68 7.83 10.87
C ASP A 14 -18.95 7.61 9.54
N PHE A 15 -19.71 7.26 8.50
CA PHE A 15 -19.14 7.10 7.17
C PHE A 15 -18.76 8.45 6.55
N GLU A 16 -19.51 9.49 6.90
CA GLU A 16 -19.14 10.85 6.50
C GLU A 16 -17.78 11.25 7.06
N VAL A 17 -17.51 10.88 8.31
CA VAL A 17 -16.20 11.12 8.94
C VAL A 17 -15.12 10.41 8.12
N CYS A 18 -15.32 9.11 7.86
CA CYS A 18 -14.38 8.33 7.07
C CYS A 18 -14.12 8.97 5.71
N ARG A 19 -15.18 9.46 5.08
CA ARG A 19 -15.09 10.14 3.79
C ARG A 19 -14.25 11.41 3.85
N ARG A 20 -14.51 12.23 4.87
CA ARG A 20 -13.73 13.45 5.13
C ARG A 20 -12.25 13.15 5.36
N LEU A 21 -11.98 12.23 6.29
CA LEU A 21 -10.60 11.85 6.64
C LEU A 21 -9.88 11.34 5.40
N THR A 22 -10.58 10.55 4.59
CA THR A 22 -10.01 9.99 3.38
C THR A 22 -9.71 11.06 2.33
N ARG A 23 -10.70 11.87 1.99
CA ARG A 23 -10.52 12.89 0.95
C ARG A 23 -9.45 13.94 1.29
N SER A 24 -9.34 14.30 2.56
CA SER A 24 -8.34 15.27 2.98
C SER A 24 -6.92 14.69 3.01
N HIS A 25 -6.80 13.40 3.33
CA HIS A 25 -5.50 12.73 3.44
C HIS A 25 -4.94 12.25 2.11
N TYR A 26 -5.81 11.70 1.26
CA TYR A 26 -5.37 11.17 -0.03
C TYR A 26 -5.76 12.10 -1.17
N GLU A 27 -4.79 12.85 -1.69
CA GLU A 27 -5.04 13.86 -2.73
C GLU A 27 -5.62 13.29 -4.01
N ASN A 28 -5.28 12.05 -4.32
CA ASN A 28 -5.69 11.44 -5.57
C ASN A 28 -6.85 10.46 -5.47
N PHE A 29 -7.64 10.59 -4.40
CA PHE A 29 -8.64 9.56 -4.13
C PHE A 29 -9.73 9.41 -5.18
N SER A 30 -10.05 10.49 -5.89
CA SER A 30 -11.01 10.44 -7.00
C SER A 30 -10.58 9.46 -8.10
N VAL A 31 -9.28 9.32 -8.29
CA VAL A 31 -8.73 8.36 -9.26
C VAL A 31 -8.78 6.96 -8.68
N VAL A 32 -8.28 6.82 -7.44
CA VAL A 32 -8.25 5.54 -6.71
C VAL A 32 -9.64 4.89 -6.62
N SER A 33 -10.69 5.71 -6.68
CA SER A 33 -12.06 5.23 -6.53
C SER A 33 -12.98 5.54 -7.72
N LEU A 34 -12.38 5.96 -8.84
CA LEU A 34 -13.10 6.35 -10.06
C LEU A 34 -14.00 5.25 -10.65
N PHE A 35 -13.74 4.01 -10.25
CA PHE A 35 -14.44 2.86 -10.80
C PHE A 35 -15.34 2.18 -9.80
N VAL A 36 -15.26 2.58 -8.54
CA VAL A 36 -15.96 1.91 -7.47
C VAL A 36 -17.44 2.29 -7.48
N PRO A 37 -18.34 1.28 -7.56
CA PRO A 37 -19.80 1.55 -7.57
C PRO A 37 -20.22 2.28 -6.31
N ARG A 38 -21.27 3.08 -6.39
CA ARG A 38 -21.74 3.87 -5.25
C ARG A 38 -21.96 3.02 -4.00
N HIS A 39 -22.49 1.82 -4.15
CA HIS A 39 -22.78 0.99 -2.99
C HIS A 39 -21.55 0.41 -2.35
N LEU A 40 -20.41 0.52 -3.03
CA LEU A 40 -19.14 0.04 -2.47
C LEU A 40 -18.20 1.15 -2.01
N ARG A 41 -18.37 2.37 -2.52
CA ARG A 41 -17.52 3.49 -2.08
C ARG A 41 -17.40 3.67 -0.55
N PRO A 42 -18.51 3.52 0.21
CA PRO A 42 -18.40 3.71 1.66
C PRO A 42 -17.36 2.79 2.31
N HIS A 43 -17.21 1.59 1.76
CA HIS A 43 -16.24 0.64 2.27
C HIS A 43 -14.83 1.05 1.92
N PHE A 44 -14.66 1.72 0.78
CA PHE A 44 -13.37 2.32 0.45
C PHE A 44 -13.01 3.41 1.47
N TYR A 45 -13.98 4.26 1.82
CA TYR A 45 -13.75 5.35 2.77
C TYR A 45 -13.37 4.84 4.15
N SER A 46 -14.03 3.78 4.62
CA SER A 46 -13.71 3.26 5.96
C SER A 46 -12.37 2.53 6.01
N VAL A 47 -12.03 1.81 4.94
CA VAL A 47 -10.75 1.12 4.87
C VAL A 47 -9.61 2.11 4.76
N TYR A 48 -9.80 3.13 3.92
CA TYR A 48 -8.78 4.17 3.76
C TYR A 48 -8.62 5.05 4.99
N ALA A 49 -9.72 5.37 5.68
CA ALA A 49 -9.62 6.08 6.97
C ALA A 49 -8.81 5.24 7.95
N PHE A 50 -9.03 3.94 7.99
CA PHE A 50 -8.21 3.05 8.80
C PHE A 50 -6.71 3.17 8.47
N CYS A 51 -6.36 3.16 7.19
CA CYS A 51 -4.96 3.30 6.76
C CYS A 51 -4.38 4.67 7.12
N ARG A 52 -5.18 5.72 6.97
CA ARG A 52 -4.79 7.07 7.39
C ARG A 52 -4.39 7.06 8.88
N GLY A 53 -5.18 6.35 9.69
CA GLY A 53 -4.92 6.23 11.12
C GLY A 53 -3.56 5.62 11.41
N VAL A 54 -3.17 4.60 10.63
CA VAL A 54 -1.85 4.00 10.78
C VAL A 54 -0.75 4.95 10.29
N ASP A 55 -0.99 5.65 9.19
CA ASP A 55 -0.04 6.66 8.67
C ASP A 55 0.28 7.74 9.71
N ASP A 56 -0.76 8.27 10.35
CA ASP A 56 -0.62 9.35 11.34
C ASP A 56 0.25 8.98 12.53
N LEU A 57 0.39 7.68 12.80
CA LEU A 57 1.26 7.19 13.86
C LEU A 57 2.64 6.82 13.29
N GLY A 58 3.10 7.61 12.31
CA GLY A 58 4.37 7.39 11.65
C GLY A 58 5.50 8.25 12.19
N ASP A 59 6.25 8.88 11.28
CA ASP A 59 7.43 9.69 11.63
C ASP A 59 7.09 10.97 12.39
N GLU A 60 5.96 11.58 12.05
CA GLU A 60 5.59 12.89 12.62
C GLU A 60 4.74 12.78 13.89
N PHE A 61 4.39 11.54 14.31
CA PHE A 61 3.60 11.32 15.53
C PHE A 61 4.42 11.55 16.81
N ALA A 62 3.82 12.33 17.73
CA ALA A 62 4.44 12.52 19.07
C ALA A 62 3.75 11.53 20.04
N GLY A 63 4.64 10.79 20.81
CA GLY A 63 4.07 9.72 21.67
C GLY A 63 4.74 8.38 21.39
N ASP A 64 4.54 7.38 22.35
CA ASP A 64 5.12 6.03 22.18
C ASP A 64 4.42 5.32 21.02
N ARG A 65 5.03 5.44 19.84
CA ARG A 65 4.54 4.80 18.63
C ARG A 65 3.97 3.42 18.92
N ALA A 67 3.02 1.99 21.74
CA ALA A 67 1.85 2.04 22.61
C ALA A 67 0.62 2.55 21.86
N ALA A 68 0.83 3.57 21.02
CA ALA A 68 -0.24 4.12 20.18
C ALA A 68 -0.77 3.06 19.20
N LEU A 69 0.15 2.34 18.57
CA LEU A 69 -0.20 1.28 17.62
C LEU A 69 -0.90 0.12 18.32
N ASP A 70 -0.46 -0.21 19.53
CA ASP A 70 -1.11 -1.22 20.36
C ASP A 70 -2.55 -0.84 20.69
N ALA A 71 -2.76 0.44 21.01
CA ALA A 71 -4.11 0.94 21.30
C ALA A 71 -4.94 0.93 20.03
N TYR A 72 -4.31 1.22 18.90
CA TYR A 72 -4.98 1.24 17.60
C TYR A 72 -5.37 -0.17 17.19
N GLU A 73 -4.52 -1.13 17.53
CA GLU A 73 -4.79 -2.55 17.30
C GLU A 73 -5.94 -3.01 18.20
N GLU A 74 -5.99 -2.49 19.42
CA GLU A 74 -7.11 -2.73 20.34
C GLU A 74 -8.45 -2.27 19.77
N GLU A 75 -8.46 -1.07 19.20
CA GLU A 75 -9.65 -0.51 18.55
C GLU A 75 -10.09 -1.41 17.39
N LEU A 76 -9.10 -1.82 16.58
CA LEU A 76 -9.35 -2.71 15.45
C LEU A 76 -10.00 -4.02 15.89
N ARG A 77 -9.45 -4.65 16.92
CA ARG A 77 -10.03 -5.89 17.46
C ARG A 77 -11.44 -5.69 18.01
N ARG A 78 -11.68 -4.54 18.64
CA ARG A 78 -13.01 -4.18 19.12
C ARG A 78 -14.00 -4.06 17.96
N ALA A 79 -13.51 -3.55 16.82
CA ALA A 79 -14.34 -3.41 15.64
C ALA A 79 -14.73 -4.75 15.02
N PHE A 80 -13.92 -5.78 15.26
CA PHE A 80 -14.25 -7.16 14.88
C PHE A 80 -15.12 -7.87 15.92
N ALA A 81 -15.19 -7.31 17.13
CA ALA A 81 -16.00 -7.86 18.19
C ALA A 81 -17.38 -7.20 18.26
N GLY A 82 -17.57 -6.16 17.45
CA GLY A 82 -18.84 -5.42 17.42
C GLY A 82 -18.97 -4.42 18.56
N GLU A 83 -17.84 -3.86 18.98
CA GLU A 83 -17.81 -2.91 20.09
C GLU A 83 -16.87 -1.73 19.84
N ALA A 84 -16.89 -1.22 18.61
CA ALA A 84 -16.12 -0.03 18.23
C ALA A 84 -16.58 1.18 19.04
N THR A 85 -15.70 2.17 19.19
CA THR A 85 -16.01 3.36 20.00
C THR A 85 -15.77 4.69 19.27
N THR A 86 -15.14 4.64 18.10
CA THR A 86 -14.85 5.81 17.27
C THR A 86 -15.90 5.89 16.17
N PRO A 87 -16.16 7.10 15.62
CA PRO A 87 -16.89 7.14 14.36
C PRO A 87 -16.24 6.30 13.26
N ALA A 88 -14.95 6.52 12.99
CA ALA A 88 -14.19 5.76 11.98
C ALA A 88 -14.32 4.24 12.14
N PHE A 89 -14.16 3.76 13.37
CA PHE A 89 -14.19 2.33 13.64
C PHE A 89 -15.60 1.74 13.69
N ARG A 90 -16.60 2.57 13.98
CA ARG A 90 -17.99 2.13 13.83
C ARG A 90 -18.30 1.90 12.35
N ALA A 91 -17.86 2.82 11.50
CA ALA A 91 -18.00 2.64 10.06
C ALA A 91 -17.25 1.38 9.60
N LEU A 92 -16.00 1.24 10.04
CA LEU A 92 -15.22 0.04 9.71
C LEU A 92 -15.90 -1.26 10.16
N GLN A 93 -16.44 -1.24 11.37
CA GLN A 93 -17.22 -2.35 11.95
C GLN A 93 -18.36 -2.83 11.05
N PHE A 94 -19.11 -1.89 10.48
CA PHE A 94 -20.14 -2.21 9.51
C PHE A 94 -19.53 -2.81 8.26
N THR A 95 -18.50 -2.15 7.72
CA THR A 95 -17.76 -2.63 6.56
C THR A 95 -17.21 -4.05 6.76
N ILE A 96 -16.50 -4.28 7.87
CA ILE A 96 -15.99 -5.61 8.20
C ILE A 96 -17.10 -6.64 8.00
N ALA A 97 -18.25 -6.41 8.64
CA ALA A 97 -19.34 -7.37 8.66
C ALA A 97 -20.01 -7.54 7.30
N THR A 98 -20.32 -6.42 6.64
CA THR A 98 -21.01 -6.41 5.36
C THR A 98 -20.21 -7.09 4.26
N CYS A 99 -18.90 -6.87 4.25
CA CYS A 99 -18.03 -7.41 3.20
C CYS A 99 -17.32 -8.69 3.63
N ASN A 100 -17.61 -9.14 4.85
CA ASN A 100 -16.95 -10.31 5.45
C ASN A 100 -15.42 -10.26 5.34
N LEU A 101 -14.82 -9.15 5.78
CA LEU A 101 -13.37 -8.97 5.68
C LEU A 101 -12.61 -9.71 6.78
N PRO A 102 -11.50 -10.38 6.43
CA PRO A 102 -10.68 -11.03 7.44
C PRO A 102 -9.84 -10.02 8.24
N GLU A 104 -6.55 -10.38 9.36
CA GLU A 104 -5.11 -10.39 9.08
C GLU A 104 -4.58 -9.16 8.30
N PRO A 105 -5.27 -8.75 7.21
CA PRO A 105 -4.72 -7.59 6.49
C PRO A 105 -4.65 -6.31 7.31
N PHE A 106 -5.64 -6.09 8.17
CA PHE A 106 -5.64 -4.91 9.05
C PHE A 106 -4.48 -4.97 10.03
N LEU A 107 -4.28 -6.13 10.66
CA LEU A 107 -3.15 -6.35 11.58
C LEU A 107 -1.79 -6.23 10.88
N ARG A 108 -1.75 -6.53 9.58
CA ARG A 108 -0.50 -6.43 8.83
C ARG A 108 -0.14 -4.98 8.50
N LEU A 109 -1.15 -4.17 8.22
CA LEU A 109 -0.95 -2.75 7.98
C LEU A 109 -0.44 -2.05 9.22
N ILE A 110 -0.93 -2.49 10.38
CA ILE A 110 -0.47 -2.00 11.69
C ILE A 110 0.99 -2.41 11.90
N GLU A 111 1.28 -3.68 11.61
CA GLU A 111 2.64 -4.22 11.70
C GLU A 111 3.61 -3.54 10.74
N ALA A 112 3.13 -3.11 9.58
CA ALA A 112 3.97 -2.41 8.60
C ALA A 112 4.64 -1.19 9.20
N ASN A 113 3.89 -0.46 10.03
CA ASN A 113 4.41 0.69 10.75
C ASN A 113 5.53 0.30 11.73
N ARG A 114 5.37 -0.82 12.43
CA ARG A 114 6.41 -1.34 13.33
C ARG A 114 7.65 -1.78 12.54
N ARG A 115 7.44 -2.34 11.34
CA ARG A 115 8.55 -2.75 10.48
C ARG A 115 9.35 -1.54 10.02
N ASP A 116 8.64 -0.46 9.69
CA ASP A 116 9.27 0.79 9.26
C ASP A 116 10.08 1.44 10.39
N GLN A 117 9.64 1.25 11.64
CA GLN A 117 10.36 1.76 12.81
C GLN A 117 11.74 1.13 12.94
N ARG A 118 11.81 -0.18 12.69
CA ARG A 118 13.00 -0.95 12.99
C ARG A 118 13.98 -1.15 11.83
N LYS A 119 13.59 -0.75 10.62
CA LYS A 119 14.47 -0.88 9.46
C LYS A 119 14.64 0.42 8.68
N HIS A 120 15.90 0.81 8.52
CA HIS A 120 16.25 1.98 7.73
C HIS A 120 16.99 1.57 6.50
N THR A 121 17.51 0.34 6.51
CA THR A 121 18.18 -0.25 5.35
C THR A 121 17.69 -1.68 5.15
N TYR A 122 17.74 -2.16 3.90
CA TYR A 122 17.37 -3.54 3.58
C TYR A 122 18.53 -4.34 2.99
N ASP A 123 18.77 -5.52 3.55
CA ASP A 123 19.89 -6.37 3.16
C ASP A 123 19.69 -7.04 1.79
N THR A 124 18.54 -7.71 1.62
CA THR A 124 18.27 -8.48 0.41
C THR A 124 16.91 -8.13 -0.21
N TRP A 125 16.72 -8.59 -1.45
CA TRP A 125 15.44 -8.48 -2.13
C TRP A 125 14.35 -9.15 -1.36
N GLU A 126 14.65 -10.29 -0.74
CA GLU A 126 13.69 -11.03 0.08
C GLU A 126 13.19 -10.21 1.27
N ASP A 127 14.09 -9.43 1.86
CA ASP A 127 13.74 -8.53 2.96
C ASP A 127 12.79 -7.43 2.51
N LEU A 128 13.08 -6.82 1.36
CA LEU A 128 12.21 -5.80 0.81
C LEU A 128 10.84 -6.39 0.43
N ARG A 129 10.87 -7.50 -0.29
CA ARG A 129 9.65 -8.24 -0.61
C ARG A 129 8.83 -8.49 0.65
N ASP A 130 9.48 -8.93 1.72
CA ASP A 130 8.81 -9.24 2.97
C ASP A 130 8.13 -8.01 3.61
N TYR A 131 8.78 -6.86 3.54
CA TYR A 131 8.18 -5.61 3.99
C TYR A 131 6.89 -5.31 3.21
N CYS A 132 6.95 -5.48 1.90
CA CYS A 132 5.79 -5.27 1.02
C CYS A 132 4.58 -6.11 1.40
N ARG A 133 4.82 -7.30 1.95
CA ARG A 133 3.73 -8.17 2.44
C ARG A 133 2.92 -7.53 3.58
N TYR A 134 3.46 -6.45 4.16
CA TYR A 134 2.79 -5.76 5.27
C TYR A 134 2.33 -4.37 4.88
N SER A 135 3.12 -3.70 4.05
CA SER A 135 2.82 -2.32 3.68
C SER A 135 1.94 -2.19 2.44
N ALA A 136 2.03 -3.15 1.52
CA ALA A 136 1.37 -2.99 0.22
C ALA A 136 0.29 -4.02 -0.02
N ASP A 137 0.65 -5.30 0.05
CA ASP A 137 -0.29 -6.42 -0.17
C ASP A 137 -1.63 -6.31 0.58
N PRO A 138 -1.63 -5.89 1.86
CA PRO A 138 -2.93 -5.96 2.54
C PRO A 138 -4.02 -5.07 1.93
N VAL A 139 -3.65 -3.94 1.32
CA VAL A 139 -4.62 -3.05 0.67
C VAL A 139 -5.36 -3.78 -0.44
N GLY A 140 -4.58 -4.41 -1.33
CA GLY A 140 -5.11 -5.20 -2.44
C GLY A 140 -6.05 -6.27 -1.97
N ARG A 141 -5.68 -6.97 -0.90
CA ARG A 141 -6.52 -8.04 -0.34
C ARG A 141 -7.88 -7.54 0.18
N LEU A 142 -7.87 -6.39 0.85
CA LEU A 142 -9.09 -5.74 1.33
C LEU A 142 -9.98 -5.25 0.18
N VAL A 143 -9.35 -4.71 -0.87
CA VAL A 143 -10.07 -4.30 -2.06
C VAL A 143 -10.79 -5.49 -2.72
N LEU A 144 -10.10 -6.62 -2.86
CA LEU A 144 -10.72 -7.85 -3.36
C LEU A 144 -11.89 -8.23 -2.45
N GLY A 145 -11.66 -8.13 -1.14
CA GLY A 145 -12.67 -8.42 -0.12
C GLY A 145 -13.93 -7.59 -0.30
N ILE A 146 -13.76 -6.30 -0.58
CA ILE A 146 -14.89 -5.38 -0.77
C ILE A 146 -15.74 -5.81 -1.97
N PHE A 147 -15.07 -6.28 -3.02
CA PHE A 147 -15.72 -6.74 -4.25
C PHE A 147 -16.19 -8.20 -4.26
N GLY A 148 -16.01 -8.92 -3.15
CA GLY A 148 -16.34 -10.35 -3.09
C GLY A 148 -15.42 -11.25 -3.91
N CYS A 149 -14.14 -10.89 -3.97
CA CYS A 149 -13.17 -11.60 -4.79
C CYS A 149 -11.97 -12.14 -4.01
N LEU A 150 -12.10 -12.27 -2.69
CA LEU A 150 -10.95 -12.66 -1.88
C LEU A 150 -10.81 -14.17 -1.62
N ASP A 151 -9.97 -14.81 -2.43
CA ASP A 151 -9.53 -16.18 -2.21
C ASP A 151 -8.03 -16.21 -2.44
N ASP A 152 -7.40 -17.35 -2.15
CA ASP A 152 -5.93 -17.46 -2.19
C ASP A 152 -5.34 -17.22 -3.56
N GLU A 153 -6.02 -17.69 -4.60
CA GLU A 153 -5.51 -17.54 -5.96
C GLU A 153 -5.46 -16.06 -6.38
N ARG A 154 -6.59 -15.38 -6.22
CA ARG A 154 -6.70 -13.97 -6.60
C ARG A 154 -5.88 -13.05 -5.70
N ALA A 155 -5.77 -13.40 -4.42
CA ALA A 155 -4.91 -12.67 -3.48
C ALA A 155 -3.45 -12.73 -3.94
N ARG A 156 -3.02 -13.92 -4.36
CA ARG A 156 -1.66 -14.15 -4.85
C ARG A 156 -1.34 -13.22 -6.01
N LEU A 157 -2.26 -13.12 -6.96
CA LEU A 157 -2.10 -12.21 -8.11
C LEU A 157 -2.18 -10.74 -7.70
N SER A 158 -3.06 -10.43 -6.76
CA SER A 158 -3.17 -9.08 -6.21
C SER A 158 -1.84 -8.66 -5.58
N ASP A 159 -1.26 -9.54 -4.76
CA ASP A 159 0.02 -9.27 -4.11
C ASP A 159 1.13 -8.94 -5.12
N ALA A 160 1.18 -9.66 -6.24
CA ALA A 160 2.17 -9.36 -7.28
C ALA A 160 2.06 -7.89 -7.72
N THR A 161 0.82 -7.43 -7.90
CA THR A 161 0.57 -6.05 -8.35
C THR A 161 0.87 -5.02 -7.26
N CYS A 162 0.30 -5.23 -6.07
CA CYS A 162 0.54 -4.33 -4.94
C CYS A 162 2.05 -4.19 -4.65
N THR A 163 2.77 -5.31 -4.63
CA THR A 163 4.23 -5.30 -4.45
C THR A 163 4.97 -4.58 -5.59
N ALA A 164 4.58 -4.88 -6.83
CA ALA A 164 5.15 -4.21 -7.99
C ALA A 164 5.04 -2.70 -7.84
N LEU A 165 3.86 -2.25 -7.40
CA LEU A 165 3.57 -0.84 -7.27
C LEU A 165 4.43 -0.15 -6.20
N GLN A 166 4.58 -0.81 -5.05
CA GLN A 166 5.43 -0.28 -4.00
C GLN A 166 6.89 -0.19 -4.43
N VAL A 167 7.38 -1.22 -5.12
CA VAL A 167 8.76 -1.18 -5.61
C VAL A 167 8.95 -0.03 -6.60
N ALA A 168 8.08 0.05 -7.60
CA ALA A 168 8.11 1.16 -8.57
C ALA A 168 8.19 2.52 -7.87
N ASN A 169 7.35 2.71 -6.85
CA ASN A 169 7.35 3.93 -6.04
C ASN A 169 8.62 4.14 -5.24
N HIS A 170 9.14 3.09 -4.61
CA HIS A 170 10.43 3.15 -3.93
C HIS A 170 11.51 3.64 -4.86
N GLN A 172 11.40 5.36 -7.79
CA GLN A 172 11.30 6.77 -8.18
C GLN A 172 11.49 7.73 -6.99
N ASP A 173 11.56 7.19 -5.77
CA ASP A 173 11.64 8.00 -4.56
C ASP A 173 12.91 7.82 -3.73
N ILE A 174 14.00 7.39 -4.37
CA ILE A 174 15.28 7.20 -3.68
C ILE A 174 15.71 8.48 -2.96
N ASP A 175 15.61 9.62 -3.65
CA ASP A 175 15.97 10.91 -3.09
C ASP A 175 15.13 11.29 -1.86
N ARG A 176 13.82 11.26 -2.03
CA ARG A 176 12.89 11.57 -0.95
C ARG A 176 13.18 10.72 0.29
N ASP A 177 13.36 9.41 0.08
CA ASP A 177 13.59 8.45 1.17
C ASP A 177 14.92 8.68 1.86
N LEU A 178 15.94 9.04 1.08
CA LEU A 178 17.27 9.31 1.60
C LEU A 178 17.23 10.46 2.60
N ALA A 179 16.56 11.55 2.19
CA ALA A 179 16.37 12.73 3.03
C ALA A 179 15.66 12.40 4.34
N LEU A 180 14.96 11.27 4.38
CA LEU A 180 14.22 10.85 5.57
C LEU A 180 14.97 9.81 6.40
N GLY A 181 16.16 9.41 5.94
CA GLY A 181 17.03 8.49 6.67
C GLY A 181 16.91 7.01 6.28
N ARG A 182 16.24 6.75 5.15
CA ARG A 182 15.94 5.39 4.71
C ARG A 182 16.41 5.08 3.30
N ILE A 183 16.89 3.86 3.12
CA ILE A 183 17.20 3.33 1.80
C ILE A 183 16.54 1.95 1.64
N TYR A 184 15.74 1.83 0.59
CA TYR A 184 15.00 0.61 0.30
C TYR A 184 15.68 -0.28 -0.72
N VAL A 185 16.64 0.28 -1.47
CA VAL A 185 17.42 -0.51 -2.43
C VAL A 185 18.18 -1.58 -1.66
N PRO A 186 17.97 -2.87 -2.00
CA PRO A 186 18.63 -3.93 -1.25
C PRO A 186 20.16 -3.87 -1.33
N ARG A 187 20.82 -4.15 -0.20
N ARG A 187 20.83 -4.11 -0.20
CA ARG A 187 22.28 -4.07 -0.07
CA ARG A 187 22.29 -4.07 -0.13
C ARG A 187 23.00 -5.05 -1.01
C ARG A 187 22.92 -5.03 -1.12
N ALA A 188 22.47 -6.27 -1.10
CA ALA A 188 23.05 -7.33 -1.94
C ALA A 188 22.93 -7.05 -3.44
N ASP A 189 21.81 -6.42 -3.83
CA ASP A 189 21.59 -6.07 -5.24
C ASP A 189 22.51 -4.93 -5.70
N LEU A 190 22.91 -4.07 -4.76
CA LEU A 190 23.89 -3.03 -5.05
C LEU A 190 25.29 -3.63 -5.15
N GLU A 191 25.62 -4.53 -4.24
CA GLU A 191 26.92 -5.19 -4.20
C GLU A 191 27.11 -6.16 -5.37
N GLN A 192 26.01 -6.73 -5.85
CA GLN A 192 26.05 -7.62 -7.02
C GLN A 192 26.66 -6.92 -8.23
N PHE A 193 26.45 -5.60 -8.32
CA PHE A 193 27.02 -4.80 -9.40
C PHE A 193 28.17 -3.90 -8.94
N GLY A 194 28.82 -4.28 -7.84
CA GLY A 194 29.98 -3.56 -7.33
C GLY A 194 29.69 -2.17 -6.79
N ALA A 195 28.43 -1.91 -6.42
CA ALA A 195 28.07 -0.65 -5.79
C ALA A 195 27.79 -0.87 -4.31
N THR A 196 27.66 0.21 -3.55
CA THR A 196 27.37 0.15 -2.13
C THR A 196 26.30 1.16 -1.75
N LEU A 197 25.82 1.08 -0.51
CA LEU A 197 24.86 2.05 0.01
C LEU A 197 25.44 3.46 0.08
N ASP A 198 26.77 3.55 0.21
CA ASP A 198 27.48 4.83 0.20
C ASP A 198 27.27 5.63 -1.08
N ASP A 199 27.20 4.92 -2.21
CA ASP A 199 26.88 5.53 -3.51
C ASP A 199 25.52 6.24 -3.44
N ILE A 200 24.54 5.57 -2.85
CA ILE A 200 23.18 6.10 -2.69
C ILE A 200 23.20 7.32 -1.77
N ARG A 201 23.92 7.22 -0.66
CA ARG A 201 24.06 8.32 0.29
C ARG A 201 24.73 9.54 -0.37
N ALA A 202 25.78 9.28 -1.15
CA ALA A 202 26.49 10.33 -1.89
C ALA A 202 25.84 10.64 -3.24
N ARG A 203 24.58 10.21 -3.40
CA ARG A 203 23.76 10.49 -4.58
C ARG A 203 24.50 10.32 -5.92
N ARG A 204 25.38 9.29 -5.96
CA ARG A 204 26.17 9.01 -7.15
C ARG A 204 25.50 7.92 -7.97
N ALA A 205 25.15 8.26 -9.20
CA ALA A 205 24.56 7.30 -10.12
C ALA A 205 25.64 6.60 -10.93
N THR A 206 26.42 5.76 -10.24
CA THR A 206 27.47 4.98 -10.90
C THR A 206 26.82 3.93 -11.80
N ASP A 207 27.63 3.25 -12.60
CA ASP A 207 27.16 2.17 -13.45
C ASP A 207 26.55 1.02 -12.63
N GLY A 208 27.13 0.76 -11.46
CA GLY A 208 26.60 -0.24 -10.53
C GLY A 208 25.23 0.13 -10.03
N VAL A 209 25.10 1.39 -9.60
CA VAL A 209 23.82 1.95 -9.15
C VAL A 209 22.75 1.80 -10.23
N ARG A 210 23.07 2.24 -11.45
CA ARG A 210 22.13 2.21 -12.57
C ARG A 210 21.69 0.78 -12.94
N ARG A 211 22.64 -0.16 -12.88
CA ARG A 211 22.34 -1.57 -13.12
C ARG A 211 21.49 -2.20 -12.02
N CYS A 212 21.69 -1.75 -10.78
CA CYS A 212 20.89 -2.22 -9.66
C CYS A 212 19.44 -1.73 -9.74
N ILE A 213 19.26 -0.45 -10.05
CA ILE A 213 17.93 0.13 -10.28
C ILE A 213 17.24 -0.64 -11.41
N ALA A 214 17.97 -0.90 -12.50
CA ALA A 214 17.45 -1.68 -13.63
C ALA A 214 16.97 -3.06 -13.21
N LEU A 215 17.73 -3.74 -12.35
CA LEU A 215 17.33 -5.05 -11.84
C LEU A 215 16.00 -4.99 -11.08
N GLU A 216 15.81 -3.94 -10.28
CA GLU A 216 14.57 -3.75 -9.51
C GLU A 216 13.40 -3.46 -10.44
N VAL A 217 13.63 -2.58 -11.41
CA VAL A 217 12.63 -2.24 -12.42
C VAL A 217 12.13 -3.50 -13.13
N ASP A 218 13.05 -4.36 -13.55
CA ASP A 218 12.72 -5.63 -14.21
C ASP A 218 11.89 -6.54 -13.30
N ARG A 219 12.27 -6.63 -12.02
CA ARG A 219 11.56 -7.44 -11.05
C ARG A 219 10.10 -6.98 -10.91
N ALA A 220 9.93 -5.67 -10.86
CA ALA A 220 8.61 -5.04 -10.70
C ALA A 220 7.77 -5.21 -11.97
N GLN A 221 8.41 -5.07 -13.13
CA GLN A 221 7.74 -5.31 -14.40
C GLN A 221 7.22 -6.75 -14.50
N ALA A 222 8.04 -7.70 -14.06
CA ALA A 222 7.64 -9.11 -14.04
C ALA A 222 6.46 -9.34 -13.09
N LEU A 223 6.46 -8.62 -11.98
CA LEU A 223 5.34 -8.69 -11.03
C LEU A 223 4.05 -8.08 -11.60
N PHE A 224 4.16 -6.95 -12.27
CA PHE A 224 3.04 -6.41 -13.04
C PHE A 224 2.49 -7.43 -14.05
N ASP A 225 3.38 -8.03 -14.85
CA ASP A 225 3.00 -9.04 -15.85
C ASP A 225 2.25 -10.21 -15.24
N GLU A 226 2.71 -10.70 -14.10
CA GLU A 226 2.02 -11.76 -13.38
C GLU A 226 0.68 -11.26 -12.78
N GLY A 227 0.69 -10.04 -12.24
CA GLY A 227 -0.52 -9.49 -11.61
C GLY A 227 -1.69 -9.28 -12.55
N ARG A 228 -1.35 -8.83 -13.75
CA ARG A 228 -2.27 -8.62 -14.87
C ARG A 228 -3.39 -9.67 -14.99
N ARG A 229 -3.07 -10.92 -14.66
CA ARG A 229 -4.02 -12.02 -14.79
C ARG A 229 -5.30 -11.81 -13.96
N LEU A 230 -5.16 -11.11 -12.83
CA LEU A 230 -6.29 -10.80 -11.95
C LEU A 230 -7.40 -10.01 -12.67
N GLU A 231 -7.00 -9.17 -13.61
CA GLU A 231 -7.95 -8.40 -14.41
C GLU A 231 -8.99 -9.26 -15.15
N SER A 232 -8.69 -10.54 -15.38
CA SER A 232 -9.65 -11.42 -16.05
C SER A 232 -10.54 -12.21 -15.07
N LEU A 233 -10.38 -11.97 -13.77
CA LEU A 233 -11.00 -12.82 -12.76
C LEU A 233 -11.92 -12.06 -11.80
N VAL A 234 -12.21 -10.80 -12.13
CA VAL A 234 -12.97 -9.92 -11.23
C VAL A 234 -14.06 -9.17 -12.00
N PRO A 235 -15.05 -8.57 -11.29
CA PRO A 235 -16.04 -7.75 -11.98
C PRO A 235 -15.36 -6.64 -12.81
N PRO A 236 -15.94 -6.28 -13.98
CA PRO A 236 -15.29 -5.30 -14.88
C PRO A 236 -14.92 -3.94 -14.23
N ARG A 237 -15.73 -3.49 -13.28
CA ARG A 237 -15.41 -2.27 -12.53
C ARG A 237 -14.09 -2.41 -11.75
N LEU A 238 -13.92 -3.51 -11.03
CA LEU A 238 -12.65 -3.77 -10.36
C LEU A 238 -11.52 -4.01 -11.37
N ALA A 239 -11.83 -4.66 -12.48
CA ALA A 239 -10.81 -4.94 -13.51
C ALA A 239 -10.20 -3.65 -14.04
N ARG A 240 -11.03 -2.68 -14.39
CA ARG A 240 -10.54 -1.39 -14.90
C ARG A 240 -9.74 -0.62 -13.85
N GLN A 241 -10.16 -0.72 -12.59
CA GLN A 241 -9.42 -0.10 -11.49
C GLN A 241 -8.01 -0.68 -11.39
N LEU A 242 -7.94 -2.02 -11.42
CA LEU A 242 -6.65 -2.73 -11.38
C LEU A 242 -5.80 -2.37 -12.58
N LYS A 243 -6.40 -2.36 -13.76
CA LYS A 243 -5.67 -2.03 -14.98
C LYS A 243 -5.01 -0.67 -14.80
N LEU A 244 -5.76 0.26 -14.28
CA LEU A 244 -5.29 1.61 -14.13
C LEU A 244 -4.18 1.74 -13.06
N TYR A 245 -4.29 1.03 -11.94
CA TYR A 245 -3.14 0.96 -11.03
C TYR A 245 -1.91 0.42 -11.77
N ARG A 246 -2.11 -0.64 -12.56
CA ARG A 246 -1.04 -1.26 -13.33
C ARG A 246 -0.41 -0.26 -14.30
N LEU A 247 -1.26 0.46 -15.03
CA LEU A 247 -0.78 1.43 -16.02
C LEU A 247 0.08 2.50 -15.35
N GLY A 248 -0.40 3.01 -14.21
CA GLY A 248 0.32 4.02 -13.43
C GLY A 248 1.69 3.51 -12.99
N GLY A 249 1.71 2.28 -12.47
CA GLY A 249 2.95 1.64 -12.05
C GLY A 249 3.91 1.40 -13.19
N GLU A 250 3.37 0.95 -14.33
CA GLU A 250 4.18 0.70 -15.51
C GLU A 250 4.78 2.00 -16.04
N ALA A 251 4.00 3.08 -15.97
CA ALA A 251 4.48 4.39 -16.42
C ALA A 251 5.59 4.93 -15.53
N ILE A 252 5.57 4.56 -14.24
CA ILE A 252 6.64 4.94 -13.33
C ILE A 252 7.95 4.26 -13.75
N LEU A 253 7.86 2.97 -14.05
CA LEU A 253 9.01 2.19 -14.52
C LEU A 253 9.55 2.76 -15.83
N ALA A 254 8.64 3.13 -16.74
CA ALA A 254 9.00 3.66 -18.04
C ALA A 254 9.76 4.99 -17.94
N ALA A 255 9.37 5.82 -17.00
CA ALA A 255 10.07 7.10 -16.76
C ALA A 255 11.47 6.87 -16.17
N ILE A 256 11.62 5.84 -15.35
CA ILE A 256 12.91 5.47 -14.77
C ILE A 256 13.86 4.99 -15.87
N ARG A 257 13.34 4.14 -16.75
CA ARG A 257 14.08 3.67 -17.92
C ARG A 257 14.50 4.83 -18.81
N ARG A 258 13.58 5.77 -19.02
CA ARG A 258 13.80 6.97 -19.83
C ARG A 258 14.67 8.00 -19.09
N GLN A 259 15.19 7.62 -17.92
CA GLN A 259 16.12 8.46 -17.18
C GLN A 259 17.44 7.73 -16.95
N GLY A 260 17.64 6.66 -17.70
CA GLY A 260 18.85 5.83 -17.59
C GLY A 260 19.06 5.25 -16.21
N TYR A 261 17.96 4.98 -15.51
CA TYR A 261 17.98 4.39 -14.17
C TYR A 261 18.73 5.27 -13.17
N ASN A 262 18.51 6.58 -13.29
CA ASN A 262 19.15 7.57 -12.45
C ASN A 262 18.14 8.31 -11.57
N PRO A 263 18.10 8.01 -10.25
CA PRO A 263 17.38 8.89 -9.34
C PRO A 263 18.21 10.16 -9.11
N PHE A 264 17.87 10.96 -8.11
CA PHE A 264 18.65 12.16 -7.74
C PHE A 264 18.39 13.35 -8.66
#